data_8DLR
#
_entry.id   8DLR
#
_cell.length_a   1.00
_cell.length_b   1.00
_cell.length_c   1.00
_cell.angle_alpha   90.00
_cell.angle_beta   90.00
_cell.angle_gamma   90.00
#
_symmetry.space_group_name_H-M   'P 1'
#
loop_
_entity.id
_entity.type
_entity.pdbx_description
1 polymer 'Spike glycoprotein'
2 polymer 'Fab 4-8 heavy chain'
3 polymer 'Fab 4-8 light chain'
4 non-polymer 2-acetamido-2-deoxy-beta-D-glucopyranose
#
loop_
_entity_poly.entity_id
_entity_poly.type
_entity_poly.pdbx_seq_one_letter_code
_entity_poly.pdbx_strand_id
1 'polypeptide(L)'
;MFVFLVLLPLVSSQCVNFTNRTQLPSAYTNSFTRGVYYPDKVFRSSVLHSTQDLFLPFFSNVTWFHAIHVSGTNGTKRFD
NPVLPFNDGVYFASTEKSNIIRGWIFGTTLDSKTQSLLIVNNATNVVIKVCEFQFCNYPFLGVYYHKNNKSWMESEFRVY
SSANNCTFEYVSQPFLMDLEGKQGNFKNLSEFVFKNIDGYFKIYSKHTPINLVRDLPQGFSALEPLVDLPIGINITRFQT
LLALHRSYLTPGDSSSGWTAGAAAYYVGYLQPRTFLLKYNENGTITDAVDCALDPLSETKCTLKSFTVEKGIYQTSNFRV
QPTESIVRFPNITNLCPFGEVFNATRFASVYAWNRKRISNCVADYSVLYNSASFSTFKCYGVSPTKLNDLCFTNVYADSF
VIRGDEVRQIAPGQTGTIADYNYKLPDDFTGCVIAWNSNNLDSKVGGNYNYLYRLFRKSNLKPFERDISTEIYQAGSTPC
NGVKGFNCYFPLQSYGFQPTYGVGYQPYRVVVLSFELLHAPATVCGPKKSTNLVKNKCVNFNFNGLTGTGVLTESNKKFL
PFQQFGRDIADTTDAVRDPQTLEILDITPCSFGGVSVITPGTNTSNQVAVLYQGVNCTEVPVAIHADQLTPTWRVYSTGS
NVFQTRAGCLIGAEYVNNSYECDIPIGAGICASYQTQTNSPGSASSVASQSIIAYTMSLGAENSVAYSNNSIAIPTNFTI
SVTTEILPVSMTKTSVDCTMYICGDSTECSNLLLQYGSFCTQLNRALTGIAVEQDKNTQEVFAQVKQIYKTPPIKDFGGF
NFSQILPDPSKPSKRSPIEDLLFNKVTLADAGFIKQYGDCLGDIAARDLICAQKFNGLTVLPPLLTDEMIAQYTSALLAG
TITSGWTFGAGPALQIPFPMQMAYRFNGIGVTQNVLYENQKLIANQFNSAIGKIQDSLSSTPSALGKLQDVVNQNAQALN
TLVKQLSSNFGAISSVLNDILSRLDPPEAEVQIDRLITGRLQSLQTYVTQQLIRAAEIRASANLAAIKMSECVLGQSKRV
DFCGKGYHLMSFPQSAPHGVVFLHVTYVPAQEKNFTTAPAICHDGKAHFPREGVFVSNGTHWFVTQRNFYEPQIITTDNT
FVSGNCDVVIGIVNNTVYDPLQPELDSFKEELDKYFKNHTSPDVDLGDISGINASFVNIQKEIDRLNEVAKNLNESLIDL
QELGKYEQGSGYIPEAPRDGQAYVRKDGEWVLLSTFLGRSLEVLFQGPGHHHHHHHHSAWSHPQFEKGGGSGGGGSGGSA
WSHPQFEK
;
A
2 'polypeptide(L)'
;MDWTWRVFCLLAVAPGAHSQVQLVQSGAEVKKAGSSVKVSCKASGGTFSSHTITWVRQAPGQGLEWMGRIIPILGIANYA
QKFQGRVTITADKSTSTAYMELSSLRSEDTAVYYCASLQTVDTAIEKYYGMDVWGQGTTVTVSSASTKGPSVFPLAPSSK
STSGGTAALGCLVKDYFPEPVTVSWNSGALTSGVHTFPAVLQSSGLYSLSSVVTVPSSSLGTQTYICNVNHKPSNTKVDK
KVEPKSCGSHHHHHH
;
H
3 'polypeptide(L)'
;MVLQTQVFISLLLWISGAYGSYELTQPPSVSVSPGQTASITCSGDKLGDKYACWYQQKPGQSPVLVIYQDNKRPSGIPER
FSGSNSGNTATLTISGTQAMDEADYYCQAWDSSTAVFGGGTKLTVLGQPKANPTVTLFPPSSEELQANKATLVCLISDFY
PGAVTVAWKADGSPVKAGVETTKPSKQSNNKYAASSYLSLTPEQWKSHRSYSCQVTHEGSTVEKTVAPTECS
;
L
#
# COMPACT_ATOMS: atom_id res chain seq x y z
N GLN A 14 7.69 0.45 -1.30
CA GLN A 14 7.61 1.36 -2.43
C GLN A 14 7.20 0.59 -3.68
N CYS A 15 8.01 0.62 -4.73
CA CYS A 15 7.62 0.00 -5.99
C CYS A 15 7.66 -1.52 -5.89
N VAL A 16 6.55 -2.15 -6.26
CA VAL A 16 6.44 -3.59 -6.39
C VAL A 16 6.31 -3.90 -7.88
N ASN A 17 7.28 -4.63 -8.41
CA ASN A 17 7.30 -4.97 -9.83
C ASN A 17 6.51 -6.25 -10.04
N PHE A 18 5.37 -6.14 -10.71
CA PHE A 18 4.57 -7.30 -11.06
C PHE A 18 4.94 -7.78 -12.45
N THR A 19 4.88 -9.09 -12.63
CA THR A 19 5.31 -9.73 -13.86
C THR A 19 4.17 -10.62 -14.34
N ASN A 20 4.13 -10.84 -15.66
CA ASN A 20 3.06 -11.57 -16.36
C ASN A 20 1.70 -10.93 -16.10
N ARG A 21 1.62 -9.63 -16.37
CA ARG A 21 0.39 -8.90 -16.15
C ARG A 21 -0.58 -9.16 -17.31
N THR A 22 -1.76 -9.63 -16.98
CA THR A 22 -2.83 -9.79 -17.96
C THR A 22 -3.39 -8.42 -18.32
N GLN A 23 -3.57 -8.18 -19.61
CA GLN A 23 -4.21 -6.95 -20.06
C GLN A 23 -5.66 -6.91 -19.61
N LEU A 24 -6.10 -5.74 -19.19
CA LEU A 24 -7.50 -5.55 -18.80
C LEU A 24 -8.39 -5.70 -20.02
N PRO A 25 -9.41 -6.56 -19.97
CA PRO A 25 -10.41 -6.56 -21.04
C PRO A 25 -11.18 -5.26 -21.05
N SER A 26 -11.40 -4.74 -22.26
CA SER A 26 -12.07 -3.47 -22.44
C SER A 26 -13.13 -3.61 -23.51
N ALA A 27 -14.38 -3.36 -23.14
CA ALA A 27 -15.48 -3.32 -24.08
C ALA A 27 -15.81 -1.88 -24.41
N TYR A 28 -16.78 -1.68 -25.29
CA TYR A 28 -17.16 -0.35 -25.74
C TYR A 28 -18.63 -0.14 -25.40
N THR A 29 -18.90 0.70 -24.41
CA THR A 29 -20.26 0.97 -23.99
C THR A 29 -20.73 2.31 -24.56
N ASN A 30 -22.04 2.48 -24.54
CA ASN A 30 -22.66 3.71 -25.01
C ASN A 30 -22.63 4.75 -23.92
N SER A 31 -22.31 5.99 -24.29
CA SER A 31 -22.21 7.06 -23.32
C SER A 31 -23.58 7.56 -22.87
N PHE A 32 -24.58 7.46 -23.74
CA PHE A 32 -25.93 8.05 -23.59
C PHE A 32 -25.75 9.54 -23.39
N THR A 33 -26.28 10.14 -22.33
CA THR A 33 -26.15 11.56 -22.06
C THR A 33 -25.41 11.82 -20.76
N ARG A 34 -24.40 11.00 -20.47
CA ARG A 34 -23.65 11.17 -19.23
C ARG A 34 -22.55 12.22 -19.40
N GLY A 35 -22.02 12.67 -18.28
CA GLY A 35 -20.83 13.48 -18.27
C GLY A 35 -21.02 14.97 -18.42
N VAL A 36 -22.24 15.46 -18.38
CA VAL A 36 -22.49 16.90 -18.44
C VAL A 36 -22.17 17.50 -17.09
N TYR A 37 -21.47 18.63 -17.08
CA TYR A 37 -21.08 19.30 -15.86
C TYR A 37 -21.53 20.75 -15.91
N TYR A 38 -21.43 21.42 -14.78
CA TYR A 38 -21.71 22.85 -14.73
C TYR A 38 -20.50 23.59 -15.29
N PRO A 39 -20.64 24.32 -16.40
CA PRO A 39 -19.46 24.93 -17.03
C PRO A 39 -18.93 26.13 -16.30
N ASP A 40 -19.72 26.77 -15.44
CA ASP A 40 -19.28 27.91 -14.68
C ASP A 40 -19.94 27.86 -13.31
N LYS A 41 -19.74 28.92 -12.53
CA LYS A 41 -20.32 29.05 -11.20
C LYS A 41 -21.34 30.18 -11.18
N VAL A 42 -22.15 30.26 -12.21
CA VAL A 42 -23.18 31.28 -12.37
C VAL A 42 -24.53 30.63 -12.19
N PHE A 43 -25.35 31.20 -11.31
CA PHE A 43 -26.69 30.69 -11.09
C PHE A 43 -27.60 31.14 -12.23
N ARG A 44 -28.21 30.18 -12.92
CA ARG A 44 -29.17 30.47 -13.96
C ARG A 44 -30.47 29.75 -13.65
N SER A 45 -31.59 30.45 -13.81
CA SER A 45 -32.88 29.94 -13.38
C SER A 45 -33.83 29.94 -14.57
N SER A 46 -34.36 28.76 -14.92
CA SER A 46 -35.39 28.56 -15.93
C SER A 46 -35.01 29.10 -17.30
N VAL A 47 -33.77 28.81 -17.72
CA VAL A 47 -33.29 29.31 -19.01
C VAL A 47 -32.68 28.16 -19.80
N LEU A 48 -32.33 28.48 -21.04
CA LEU A 48 -31.54 27.60 -21.89
C LEU A 48 -30.25 28.34 -22.20
N HIS A 49 -29.14 27.84 -21.66
CA HIS A 49 -27.84 28.47 -21.84
C HIS A 49 -27.01 27.66 -22.83
N SER A 50 -26.50 28.33 -23.85
CA SER A 50 -25.64 27.70 -24.84
C SER A 50 -24.20 27.98 -24.48
N THR A 51 -23.41 26.92 -24.34
CA THR A 51 -22.00 27.07 -23.98
C THR A 51 -21.13 26.17 -24.85
N GLN A 52 -19.95 26.66 -25.18
CA GLN A 52 -18.99 25.89 -25.96
C GLN A 52 -17.84 25.53 -25.03
N ASP A 53 -17.64 24.24 -24.79
CA ASP A 53 -16.64 23.81 -23.82
C ASP A 53 -16.22 22.38 -24.15
N LEU A 54 -15.30 21.85 -23.35
CA LEU A 54 -14.87 20.47 -23.49
C LEU A 54 -15.90 19.58 -22.82
N PHE A 55 -16.76 18.97 -23.63
CA PHE A 55 -17.82 18.11 -23.14
C PHE A 55 -17.62 16.71 -23.71
N LEU A 56 -18.05 15.72 -22.95
CA LEU A 56 -18.15 14.37 -23.48
C LEU A 56 -19.32 14.36 -24.45
N PRO A 57 -19.13 13.97 -25.71
CA PRO A 57 -20.23 13.97 -26.67
C PRO A 57 -21.29 12.94 -26.33
N PHE A 58 -22.52 13.22 -26.73
CA PHE A 58 -23.63 12.33 -26.45
C PHE A 58 -23.53 11.09 -27.32
N PHE A 59 -23.84 9.94 -26.73
CA PHE A 59 -23.84 8.63 -27.38
C PHE A 59 -22.49 8.29 -27.99
N SER A 60 -21.42 8.63 -27.28
CA SER A 60 -20.08 8.35 -27.75
C SER A 60 -19.63 6.98 -27.25
N ASN A 61 -18.55 6.48 -27.84
CA ASN A 61 -17.97 5.22 -27.41
C ASN A 61 -17.14 5.45 -26.16
N VAL A 62 -17.64 5.01 -25.03
CA VAL A 62 -16.90 5.09 -23.78
C VAL A 62 -16.32 3.71 -23.50
N THR A 63 -15.01 3.65 -23.31
CA THR A 63 -14.36 2.36 -23.12
C THR A 63 -14.50 1.90 -21.68
N TRP A 64 -14.93 0.65 -21.52
CA TRP A 64 -15.24 0.06 -20.24
C TRP A 64 -14.17 -0.98 -19.91
N PHE A 65 -13.37 -0.71 -18.89
CA PHE A 65 -12.35 -1.63 -18.43
C PHE A 65 -12.93 -2.43 -17.27
N HIS A 66 -13.16 -3.71 -17.49
CA HIS A 66 -13.73 -4.57 -16.47
C HIS A 66 -12.81 -5.76 -16.24
N ALA A 67 -13.01 -6.44 -15.13
CA ALA A 67 -12.25 -7.64 -14.82
C ALA A 67 -13.08 -8.59 -13.94
N LYS A 77 -5.63 -13.28 -10.57
CA LYS A 77 -4.31 -13.31 -11.18
C LYS A 77 -3.62 -11.97 -10.96
N ARG A 78 -3.19 -11.35 -12.06
CA ARG A 78 -2.63 -10.01 -12.05
C ARG A 78 -3.12 -9.28 -13.29
N PHE A 79 -3.94 -8.26 -13.09
CA PHE A 79 -4.47 -7.47 -14.19
C PHE A 79 -3.64 -6.21 -14.34
N ASP A 80 -3.33 -5.85 -15.58
CA ASP A 80 -2.54 -4.66 -15.84
C ASP A 80 -3.32 -3.40 -15.50
N ASN A 81 -2.63 -2.42 -14.95
CA ASN A 81 -3.20 -1.11 -14.69
C ASN A 81 -2.67 -0.16 -15.74
N PRO A 82 -3.42 0.08 -16.81
CA PRO A 82 -2.84 0.76 -17.97
C PRO A 82 -2.74 2.26 -17.77
N VAL A 83 -1.70 2.84 -18.37
CA VAL A 83 -1.60 4.29 -18.50
C VAL A 83 -2.37 4.69 -19.74
N LEU A 84 -3.37 5.52 -19.55
CA LEU A 84 -4.21 5.92 -20.67
C LEU A 84 -3.91 7.35 -21.08
N PRO A 85 -4.13 7.72 -22.34
CA PRO A 85 -3.96 9.12 -22.73
C PRO A 85 -4.99 10.01 -22.07
N PHE A 86 -4.62 11.28 -21.91
CA PHE A 86 -5.52 12.25 -21.31
C PHE A 86 -6.33 13.00 -22.35
N ASN A 87 -5.73 13.28 -23.50
CA ASN A 87 -6.30 14.02 -24.63
C ASN A 87 -6.72 15.40 -24.13
N ASP A 88 -7.98 15.80 -24.25
CA ASP A 88 -8.41 17.12 -23.82
C ASP A 88 -9.20 17.08 -22.52
N GLY A 89 -9.24 15.95 -21.84
CA GLY A 89 -9.98 15.81 -20.60
C GLY A 89 -10.61 14.45 -20.56
N VAL A 90 -10.85 13.96 -19.35
CA VAL A 90 -11.27 12.57 -19.14
C VAL A 90 -12.57 12.55 -18.36
N TYR A 91 -13.57 11.86 -18.89
CA TYR A 91 -14.71 11.42 -18.12
C TYR A 91 -14.39 10.06 -17.52
N PHE A 92 -14.54 9.93 -16.21
CA PHE A 92 -14.20 8.72 -15.47
C PHE A 92 -15.39 8.33 -14.62
N ALA A 93 -15.99 7.19 -14.91
CA ALA A 93 -17.10 6.69 -14.11
C ALA A 93 -16.74 5.35 -13.49
N SER A 94 -17.36 5.05 -12.35
CA SER A 94 -17.14 3.76 -11.71
C SER A 94 -18.37 3.36 -10.93
N THR A 95 -18.75 2.10 -11.04
CA THR A 95 -19.82 1.49 -10.25
C THR A 95 -19.18 0.37 -9.45
N GLU A 96 -18.70 0.71 -8.25
CA GLU A 96 -17.96 -0.25 -7.44
C GLU A 96 -18.46 -0.20 -6.01
N LYS A 97 -18.29 -1.32 -5.32
CA LYS A 97 -18.62 -1.41 -3.91
C LYS A 97 -17.44 -1.80 -3.03
N SER A 98 -16.33 -2.24 -3.62
CA SER A 98 -15.16 -2.66 -2.86
C SER A 98 -14.17 -1.53 -2.63
N ASN A 99 -14.40 -0.35 -3.22
CA ASN A 99 -13.54 0.84 -3.13
C ASN A 99 -12.10 0.52 -3.57
N ILE A 100 -11.99 -0.17 -4.71
CA ILE A 100 -10.67 -0.56 -5.20
C ILE A 100 -9.96 0.64 -5.83
N ILE A 101 -10.71 1.58 -6.40
CA ILE A 101 -10.12 2.78 -6.99
C ILE A 101 -9.91 3.81 -5.88
N ARG A 102 -8.65 4.23 -5.71
CA ARG A 102 -8.31 5.17 -4.66
C ARG A 102 -7.91 6.54 -5.16
N GLY A 103 -7.55 6.68 -6.43
CA GLY A 103 -7.14 7.97 -6.93
C GLY A 103 -6.62 7.84 -8.34
N TRP A 104 -5.94 8.90 -8.78
CA TRP A 104 -5.38 8.93 -10.12
C TRP A 104 -4.06 9.68 -10.11
N ILE A 105 -3.19 9.33 -11.05
CA ILE A 105 -1.98 10.11 -11.31
C ILE A 105 -2.11 10.72 -12.70
N PHE A 106 -1.53 11.89 -12.88
CA PHE A 106 -1.59 12.64 -14.13
C PHE A 106 -0.20 13.18 -14.43
N GLY A 107 0.15 13.23 -15.71
CA GLY A 107 1.43 13.78 -16.09
C GLY A 107 1.77 13.50 -17.52
N THR A 108 3.05 13.67 -17.89
CA THR A 108 3.49 13.37 -19.24
C THR A 108 4.47 12.20 -19.26
N THR A 109 5.59 12.31 -18.56
CA THR A 109 6.55 11.22 -18.50
C THR A 109 6.28 10.27 -17.34
N LEU A 110 5.57 10.75 -16.32
CA LEU A 110 5.28 10.03 -15.08
C LEU A 110 6.57 9.54 -14.41
N ASP A 111 7.62 10.36 -14.50
CA ASP A 111 8.86 10.11 -13.79
C ASP A 111 9.38 11.45 -13.27
N SER A 112 10.59 11.43 -12.72
CA SER A 112 11.10 12.58 -11.98
C SER A 112 11.56 13.73 -12.87
N LYS A 113 11.62 13.52 -14.19
CA LYS A 113 12.05 14.59 -15.08
C LYS A 113 11.00 15.67 -15.25
N THR A 114 9.73 15.37 -15.01
CA THR A 114 8.65 16.33 -15.21
C THR A 114 7.78 16.39 -13.96
N GLN A 115 6.97 17.43 -13.89
CA GLN A 115 5.98 17.56 -12.83
C GLN A 115 4.88 16.51 -13.01
N SER A 116 4.27 16.14 -11.90
CA SER A 116 3.18 15.18 -11.95
C SER A 116 2.19 15.49 -10.84
N LEU A 117 0.95 15.07 -11.08
CA LEU A 117 -0.19 15.31 -10.22
C LEU A 117 -0.66 13.98 -9.63
N LEU A 118 -0.94 13.97 -8.33
CA LEU A 118 -1.33 12.76 -7.62
C LEU A 118 -2.55 13.06 -6.77
N ILE A 119 -3.62 12.30 -6.98
CA ILE A 119 -4.85 12.43 -6.20
C ILE A 119 -5.08 11.10 -5.50
N VAL A 120 -5.06 11.12 -4.17
CA VAL A 120 -5.23 9.92 -3.34
C VAL A 120 -6.34 10.19 -2.33
N ASN A 121 -7.30 9.28 -2.23
CA ASN A 121 -8.33 9.36 -1.22
C ASN A 121 -8.06 8.36 -0.10
N ASN A 122 -8.60 8.66 1.07
CA ASN A 122 -8.74 7.67 2.13
C ASN A 122 -10.10 7.89 2.77
N ALA A 123 -10.31 7.34 3.97
CA ALA A 123 -11.61 7.45 4.61
C ALA A 123 -11.88 8.85 5.15
N THR A 124 -10.86 9.67 5.36
CA THR A 124 -11.02 10.97 5.97
C THR A 124 -10.66 12.15 5.09
N ASN A 125 -9.77 11.98 4.11
CA ASN A 125 -9.25 13.12 3.37
C ASN A 125 -8.97 12.71 1.93
N VAL A 126 -8.83 13.72 1.07
CA VAL A 126 -8.20 13.58 -0.22
C VAL A 126 -6.94 14.44 -0.22
N VAL A 127 -5.88 13.89 -0.79
CA VAL A 127 -4.58 14.55 -0.88
C VAL A 127 -4.26 14.72 -2.35
N ILE A 128 -4.00 15.95 -2.75
CA ILE A 128 -3.67 16.31 -4.12
C ILE A 128 -2.30 16.95 -4.09
N LYS A 129 -1.33 16.33 -4.76
CA LYS A 129 0.04 16.80 -4.71
C LYS A 129 0.60 16.89 -6.11
N VAL A 130 1.13 18.05 -6.46
CA VAL A 130 1.93 18.21 -7.67
C VAL A 130 3.38 18.26 -7.23
N CYS A 131 4.10 17.19 -7.52
CA CYS A 131 5.50 17.07 -7.15
C CYS A 131 6.25 16.46 -8.32
N GLU A 132 7.53 16.17 -8.15
CA GLU A 132 8.29 15.37 -9.12
C GLU A 132 8.32 13.95 -8.60
N PHE A 133 7.37 13.14 -9.04
CA PHE A 133 7.23 11.76 -8.60
C PHE A 133 7.94 10.84 -9.57
N GLN A 134 8.79 9.97 -9.04
CA GLN A 134 9.26 8.82 -9.82
C GLN A 134 8.25 7.72 -9.56
N PHE A 135 7.23 7.66 -10.41
CA PHE A 135 6.11 6.75 -10.19
C PHE A 135 6.51 5.31 -10.45
N CYS A 136 5.89 4.41 -9.71
CA CYS A 136 6.07 2.99 -9.95
C CYS A 136 5.36 2.58 -11.22
N ASN A 137 5.79 1.47 -11.81
CA ASN A 137 5.14 0.96 -13.00
C ASN A 137 3.74 0.43 -12.70
N TYR A 138 3.54 -0.08 -11.50
CA TYR A 138 2.23 -0.55 -11.02
C TYR A 138 1.94 0.14 -9.71
N PRO A 139 1.49 1.39 -9.74
CA PRO A 139 1.27 2.13 -8.49
C PRO A 139 -0.02 1.71 -7.82
N PHE A 140 0.04 1.52 -6.50
CA PHE A 140 -1.15 1.12 -5.77
C PHE A 140 -1.04 1.54 -4.30
N LEU A 141 -2.08 1.20 -3.56
CA LEU A 141 -2.12 1.37 -2.11
C LEU A 141 -2.36 0.01 -1.49
N GLY A 142 -1.48 -0.38 -0.58
CA GLY A 142 -1.73 -1.55 0.24
C GLY A 142 -2.74 -1.21 1.31
N VAL A 143 -3.85 -1.94 1.35
CA VAL A 143 -4.95 -1.64 2.25
C VAL A 143 -4.99 -2.71 3.33
N TYR A 144 -4.98 -2.28 4.59
CA TYR A 144 -4.91 -3.20 5.71
C TYR A 144 -5.99 -2.84 6.71
N TYR A 145 -6.70 -3.84 7.20
CA TYR A 145 -7.71 -3.65 8.24
C TYR A 145 -7.16 -4.16 9.56
N HIS A 146 -7.16 -3.30 10.57
CA HIS A 146 -6.55 -3.65 11.84
C HIS A 146 -7.52 -4.50 12.65
N LYS A 147 -7.17 -5.78 12.83
CA LYS A 147 -7.97 -6.77 13.58
C LYS A 147 -9.37 -6.93 13.01
N ASN A 148 -9.46 -6.91 11.66
CA ASN A 148 -10.71 -7.05 10.90
C ASN A 148 -11.75 -6.00 11.29
N ASN A 149 -11.28 -4.78 11.54
CA ASN A 149 -12.13 -3.64 11.82
C ASN A 149 -12.23 -2.82 10.56
N LYS A 150 -13.44 -2.72 10.00
CA LYS A 150 -13.62 -2.12 8.68
C LYS A 150 -13.42 -0.61 8.70
N SER A 151 -13.60 0.02 9.86
CA SER A 151 -13.30 1.44 9.96
C SER A 151 -11.85 1.72 10.33
N TRP A 152 -11.09 0.70 10.73
CA TRP A 152 -9.66 0.87 11.01
C TRP A 152 -8.90 0.37 9.79
N MET A 153 -8.86 1.22 8.77
CA MET A 153 -8.23 0.92 7.49
C MET A 153 -7.00 1.80 7.34
N GLU A 154 -5.85 1.17 7.15
CA GLU A 154 -4.58 1.85 6.95
C GLU A 154 -4.10 1.64 5.53
N SER A 155 -3.44 2.67 4.99
CA SER A 155 -2.99 2.68 3.61
C SER A 155 -1.48 2.77 3.57
N GLU A 156 -0.87 1.94 2.75
CA GLU A 156 0.56 1.97 2.45
C GLU A 156 0.76 2.44 1.03
N PHE A 157 1.57 3.47 0.86
CA PHE A 157 1.77 4.07 -0.46
C PHE A 157 2.80 3.26 -1.23
N ARG A 158 2.35 2.55 -2.27
CA ARG A 158 3.22 1.88 -3.23
C ARG A 158 3.06 2.55 -4.58
N VAL A 159 3.10 3.88 -4.58
CA VAL A 159 2.80 4.68 -5.76
C VAL A 159 4.07 5.18 -6.43
N TYR A 160 4.97 5.77 -5.66
CA TYR A 160 6.17 6.38 -6.19
C TYR A 160 7.37 5.98 -5.36
N SER A 161 8.54 5.96 -5.99
CA SER A 161 9.77 5.68 -5.27
C SER A 161 10.38 6.94 -4.67
N SER A 162 10.13 8.10 -5.27
CA SER A 162 10.64 9.36 -4.73
C SER A 162 9.72 10.49 -5.16
N ALA A 163 9.71 11.56 -4.38
CA ALA A 163 8.91 12.74 -4.67
C ALA A 163 9.73 13.97 -4.28
N ASN A 164 10.26 14.66 -5.28
CA ASN A 164 11.17 15.78 -5.04
C ASN A 164 10.66 17.03 -5.73
N ASN A 165 11.08 18.19 -5.17
CA ASN A 165 10.76 19.53 -5.68
C ASN A 165 9.25 19.74 -5.79
N CYS A 166 8.55 19.46 -4.72
CA CYS A 166 7.10 19.40 -4.74
C CYS A 166 6.53 20.80 -4.59
N THR A 167 5.67 21.19 -5.54
CA THR A 167 5.23 22.58 -5.66
C THR A 167 3.77 22.80 -5.27
N PHE A 168 2.96 21.77 -5.20
CA PHE A 168 1.57 21.99 -4.83
C PHE A 168 1.08 20.89 -3.91
N GLU A 169 0.29 21.26 -2.90
CA GLU A 169 -0.35 20.29 -2.03
C GLU A 169 -1.70 20.85 -1.57
N TYR A 170 -2.68 19.96 -1.45
CA TYR A 170 -4.06 20.34 -1.18
C TYR A 170 -4.73 19.18 -0.47
N VAL A 171 -5.31 19.45 0.70
CA VAL A 171 -5.97 18.41 1.50
C VAL A 171 -7.41 18.83 1.70
N SER A 172 -8.34 17.93 1.38
CA SER A 172 -9.76 18.27 1.55
C SER A 172 -10.54 17.01 1.92
N GLN A 173 -11.86 17.10 1.79
CA GLN A 173 -12.78 16.00 2.04
C GLN A 173 -12.71 14.99 0.88
N PRO A 174 -12.86 13.70 1.16
CA PRO A 174 -12.76 12.70 0.09
C PRO A 174 -13.94 12.79 -0.85
N PHE A 175 -13.69 12.40 -2.10
CA PHE A 175 -14.76 12.30 -3.07
C PHE A 175 -14.79 10.91 -3.70
N LEU A 176 -14.57 9.89 -2.89
CA LEU A 176 -14.69 8.52 -3.35
C LEU A 176 -15.32 7.65 -2.27
N LYS A 187 -24.15 0.02 -6.88
CA LYS A 187 -25.29 0.75 -6.35
C LYS A 187 -25.14 2.24 -6.60
N ASN A 188 -23.99 2.79 -6.24
CA ASN A 188 -23.70 4.21 -6.46
C ASN A 188 -22.72 4.34 -7.62
N LEU A 189 -23.12 5.08 -8.65
CA LEU A 189 -22.25 5.45 -9.75
C LEU A 189 -21.55 6.75 -9.40
N SER A 190 -20.22 6.75 -9.53
CA SER A 190 -19.39 7.92 -9.27
C SER A 190 -18.81 8.39 -10.59
N GLU A 191 -19.07 9.64 -10.95
CA GLU A 191 -18.60 10.21 -12.20
C GLU A 191 -17.73 11.42 -11.92
N PHE A 192 -16.65 11.52 -12.69
CA PHE A 192 -15.69 12.61 -12.58
C PHE A 192 -15.38 13.12 -13.98
N VAL A 193 -15.11 14.42 -14.08
CA VAL A 193 -14.61 15.03 -15.30
C VAL A 193 -13.35 15.79 -14.91
N PHE A 194 -12.24 15.48 -15.58
CA PHE A 194 -10.95 16.11 -15.38
C PHE A 194 -10.61 16.94 -16.60
N LYS A 195 -10.35 18.23 -16.40
CA LYS A 195 -9.88 19.12 -17.45
C LYS A 195 -8.59 19.78 -16.98
N ASN A 196 -7.73 20.13 -17.95
CA ASN A 196 -6.50 20.86 -17.67
C ASN A 196 -6.44 22.02 -18.64
N ILE A 197 -7.04 23.15 -18.28
CA ILE A 197 -7.12 24.31 -19.17
C ILE A 197 -6.69 25.56 -18.41
N ASP A 198 -5.94 26.42 -19.12
CA ASP A 198 -5.51 27.74 -18.65
C ASP A 198 -4.68 27.68 -17.37
N GLY A 199 -3.89 26.63 -17.21
CA GLY A 199 -3.11 26.45 -16.00
C GLY A 199 -3.90 25.92 -14.82
N TYR A 200 -5.16 25.57 -15.01
CA TYR A 200 -6.04 25.11 -13.96
C TYR A 200 -6.42 23.67 -14.23
N PHE A 201 -6.32 22.83 -13.21
CA PHE A 201 -6.84 21.47 -13.25
C PHE A 201 -8.22 21.49 -12.60
N LYS A 202 -9.24 21.23 -13.37
CA LYS A 202 -10.62 21.31 -12.91
C LYS A 202 -11.18 19.90 -12.78
N ILE A 203 -11.75 19.60 -11.61
CA ILE A 203 -12.40 18.34 -11.34
C ILE A 203 -13.86 18.62 -11.03
N TYR A 204 -14.75 17.87 -11.70
CA TYR A 204 -16.19 17.89 -11.47
C TYR A 204 -16.61 16.48 -11.09
N SER A 205 -17.62 16.36 -10.23
CA SER A 205 -18.01 15.03 -9.77
C SER A 205 -19.50 14.95 -9.50
N LYS A 206 -19.99 13.71 -9.47
CA LYS A 206 -21.38 13.42 -9.14
C LYS A 206 -21.47 11.97 -8.65
N HIS A 207 -22.26 11.75 -7.61
CA HIS A 207 -22.53 10.41 -7.10
C HIS A 207 -24.03 10.17 -7.09
N THR A 208 -24.49 9.18 -7.85
CA THR A 208 -25.92 8.94 -7.96
C THR A 208 -26.25 7.47 -7.76
N PRO A 209 -27.39 7.17 -7.14
CA PRO A 209 -27.79 5.76 -6.98
C PRO A 209 -28.32 5.20 -8.29
N ILE A 210 -27.74 4.08 -8.74
CA ILE A 210 -28.15 3.42 -9.97
C ILE A 210 -28.49 1.97 -9.69
N ASN A 211 -29.21 1.36 -10.62
CA ASN A 211 -29.66 -0.03 -10.52
C ASN A 211 -29.29 -0.77 -11.80
N LEU A 212 -28.04 -0.62 -12.22
CA LEU A 212 -27.52 -1.30 -13.40
C LEU A 212 -26.15 -1.86 -13.11
N VAL A 213 -25.83 -2.99 -13.75
CA VAL A 213 -24.54 -3.64 -13.55
C VAL A 213 -23.77 -3.59 -14.87
N ARG A 214 -24.51 -3.61 -15.98
CA ARG A 214 -23.88 -3.79 -17.29
C ARG A 214 -23.29 -2.48 -17.82
N ASP A 215 -24.13 -1.48 -18.05
CA ASP A 215 -23.71 -0.27 -18.74
C ASP A 215 -24.12 0.98 -17.96
N LEU A 216 -23.83 2.13 -18.56
CA LEU A 216 -24.12 3.40 -17.93
C LEU A 216 -25.62 3.68 -17.95
N PRO A 217 -26.14 4.35 -16.92
CA PRO A 217 -27.58 4.61 -16.87
C PRO A 217 -27.99 5.68 -17.86
N GLN A 218 -29.27 5.63 -18.23
CA GLN A 218 -29.85 6.68 -19.06
C GLN A 218 -30.31 7.81 -18.14
N GLY A 219 -30.99 8.79 -18.70
CA GLY A 219 -31.36 9.93 -17.92
C GLY A 219 -30.20 10.91 -17.79
N PHE A 220 -30.41 11.89 -16.91
CA PHE A 220 -29.53 13.04 -16.86
C PHE A 220 -29.11 13.32 -15.42
N SER A 221 -27.83 13.67 -15.25
CA SER A 221 -27.30 14.03 -13.94
C SER A 221 -26.08 14.91 -14.16
N ALA A 222 -26.21 16.20 -13.86
CA ALA A 222 -25.12 17.13 -14.09
C ALA A 222 -24.09 17.07 -12.97
N LEU A 223 -22.82 17.12 -13.37
CA LEU A 223 -21.69 17.00 -12.44
C LEU A 223 -21.38 18.35 -11.84
N GLU A 224 -21.39 18.44 -10.52
CA GLU A 224 -21.14 19.70 -9.86
C GLU A 224 -19.63 19.96 -9.77
N PRO A 225 -19.22 21.23 -9.79
CA PRO A 225 -17.79 21.54 -9.70
C PRO A 225 -17.21 21.19 -8.35
N LEU A 226 -16.14 20.40 -8.37
CA LEU A 226 -15.52 19.89 -7.16
C LEU A 226 -14.32 20.73 -6.75
N VAL A 227 -13.33 20.88 -7.65
CA VAL A 227 -12.16 21.69 -7.29
C VAL A 227 -11.49 22.28 -8.54
N ASP A 228 -10.99 23.51 -8.41
CA ASP A 228 -10.10 24.11 -9.40
C ASP A 228 -8.73 24.27 -8.77
N LEU A 229 -7.71 23.69 -9.39
CA LEU A 229 -6.38 23.65 -8.83
C LEU A 229 -5.43 24.50 -9.66
N PRO A 230 -4.86 25.57 -9.11
CA PRO A 230 -3.84 26.31 -9.86
C PRO A 230 -2.54 25.55 -9.82
N ILE A 231 -2.21 24.78 -10.87
CA ILE A 231 -1.01 23.97 -10.79
C ILE A 231 -0.13 24.23 -12.00
N GLY A 232 -0.75 24.60 -13.12
CA GLY A 232 -0.04 24.99 -14.33
C GLY A 232 0.92 23.97 -14.91
N ILE A 233 0.53 22.70 -14.97
CA ILE A 233 1.43 21.66 -15.42
C ILE A 233 0.88 21.02 -16.70
N ASN A 234 1.77 20.29 -17.36
CA ASN A 234 1.48 19.62 -18.61
C ASN A 234 1.00 18.19 -18.32
N ILE A 235 -0.18 17.85 -18.80
CA ILE A 235 -0.77 16.53 -18.58
C ILE A 235 -1.16 15.95 -19.94
N THR A 236 -0.55 14.83 -20.30
CA THR A 236 -0.92 14.08 -21.50
C THR A 236 -1.32 12.64 -21.22
N ARG A 237 -0.93 12.07 -20.09
CA ARG A 237 -1.24 10.69 -19.76
C ARG A 237 -1.80 10.64 -18.35
N PHE A 238 -2.53 9.56 -18.06
CA PHE A 238 -3.07 9.37 -16.73
C PHE A 238 -3.24 7.88 -16.43
N GLN A 239 -3.37 7.56 -15.15
CA GLN A 239 -3.44 6.19 -14.69
C GLN A 239 -4.25 6.13 -13.40
N THR A 240 -5.00 5.06 -13.23
CA THR A 240 -5.84 4.86 -12.06
C THR A 240 -5.03 4.22 -10.93
N LEU A 241 -5.22 4.72 -9.71
CA LEU A 241 -4.60 4.14 -8.52
C LEU A 241 -5.50 3.07 -7.94
N LEU A 242 -4.96 1.88 -7.76
CA LEU A 242 -5.72 0.75 -7.24
C LEU A 242 -5.41 0.52 -5.76
N ALA A 243 -6.28 -0.25 -5.12
CA ALA A 243 -6.10 -0.65 -3.73
C ALA A 243 -6.01 -2.17 -3.68
N LEU A 244 -4.88 -2.68 -3.21
CA LEU A 244 -4.64 -4.11 -3.15
C LEU A 244 -4.49 -4.54 -1.69
N HIS A 245 -4.99 -5.73 -1.38
CA HIS A 245 -4.82 -6.34 -0.07
C HIS A 245 -3.75 -7.42 -0.15
N ARG A 246 -2.83 -7.42 0.80
CA ARG A 246 -1.89 -8.53 0.95
C ARG A 246 -2.66 -9.72 1.51
N SER A 247 -2.98 -10.70 0.65
CA SER A 247 -3.78 -11.85 1.09
C SER A 247 -2.93 -12.89 1.81
N TYR A 248 -1.79 -13.26 1.24
CA TYR A 248 -0.87 -14.19 1.88
C TYR A 248 0.55 -13.67 1.66
N LEU A 249 1.52 -14.26 2.34
CA LEU A 249 2.88 -13.77 2.25
C LEU A 249 3.81 -14.89 1.81
N THR A 250 4.75 -14.55 0.94
CA THR A 250 5.86 -15.43 0.64
C THR A 250 7.15 -14.75 1.08
N PRO A 251 7.97 -15.41 1.90
CA PRO A 251 9.22 -14.79 2.37
C PRO A 251 10.21 -14.61 1.21
N GLY A 252 10.62 -13.36 1.00
CA GLY A 252 11.59 -13.03 0.00
C GLY A 252 11.04 -12.42 -1.26
N ASP A 253 9.73 -12.52 -1.50
CA ASP A 253 9.13 -12.06 -2.74
C ASP A 253 8.01 -11.08 -2.38
N SER A 254 8.22 -9.82 -2.70
CA SER A 254 7.28 -8.75 -2.36
C SER A 254 6.15 -8.61 -3.36
N SER A 255 6.16 -9.37 -4.46
CA SER A 255 5.14 -9.27 -5.49
C SER A 255 4.07 -10.34 -5.35
N SER A 256 4.06 -11.07 -4.25
CA SER A 256 3.19 -12.22 -4.07
C SER A 256 2.15 -11.94 -2.99
N GLY A 257 0.94 -12.42 -3.23
CA GLY A 257 -0.11 -12.35 -2.24
C GLY A 257 -0.98 -11.12 -2.32
N TRP A 258 -0.67 -10.17 -3.20
CA TRP A 258 -1.60 -9.08 -3.41
C TRP A 258 -2.80 -9.56 -4.21
N THR A 259 -3.90 -8.85 -4.07
CA THR A 259 -5.10 -9.17 -4.84
C THR A 259 -4.90 -8.78 -6.30
N ALA A 260 -5.80 -9.28 -7.16
CA ALA A 260 -5.59 -9.20 -8.59
C ALA A 260 -5.76 -7.80 -9.14
N GLY A 261 -6.36 -6.89 -8.39
CA GLY A 261 -6.63 -5.56 -8.92
C GLY A 261 -7.75 -5.55 -9.93
N ALA A 262 -8.78 -6.35 -9.72
CA ALA A 262 -9.92 -6.42 -10.62
C ALA A 262 -10.77 -5.17 -10.42
N ALA A 263 -10.58 -4.18 -11.28
CA ALA A 263 -11.30 -2.92 -11.20
C ALA A 263 -12.06 -2.69 -12.49
N ALA A 264 -13.26 -2.14 -12.38
CA ALA A 264 -14.10 -1.82 -13.52
C ALA A 264 -14.39 -0.32 -13.50
N TYR A 265 -14.10 0.35 -14.62
CA TYR A 265 -14.38 1.77 -14.74
C TYR A 265 -14.59 2.12 -16.20
N TYR A 266 -15.25 3.25 -16.41
CA TYR A 266 -15.57 3.77 -17.73
C TYR A 266 -14.73 5.00 -18.00
N VAL A 267 -14.10 5.05 -19.16
CA VAL A 267 -13.29 6.19 -19.58
C VAL A 267 -13.83 6.73 -20.89
N GLY A 268 -14.19 8.01 -20.90
CA GLY A 268 -14.54 8.71 -22.11
C GLY A 268 -13.66 9.95 -22.24
N TYR A 269 -13.64 10.52 -23.45
CA TYR A 269 -12.77 11.63 -23.75
C TYR A 269 -13.57 12.86 -24.16
N LEU A 270 -13.26 13.99 -23.55
CA LEU A 270 -13.95 15.23 -23.85
C LEU A 270 -13.48 15.81 -25.18
N GLN A 271 -14.41 16.42 -25.89
CA GLN A 271 -14.18 17.10 -27.15
C GLN A 271 -14.76 18.50 -27.07
N PRO A 272 -14.25 19.45 -27.84
CA PRO A 272 -14.88 20.77 -27.87
C PRO A 272 -16.23 20.74 -28.56
N ARG A 273 -17.29 20.82 -27.77
CA ARG A 273 -18.65 20.76 -28.27
C ARG A 273 -19.43 21.96 -27.74
N THR A 274 -20.47 22.33 -28.47
CA THR A 274 -21.45 23.30 -28.01
C THR A 274 -22.65 22.54 -27.45
N PHE A 275 -23.06 22.90 -26.25
CA PHE A 275 -24.15 22.27 -25.54
C PHE A 275 -25.21 23.32 -25.21
N LEU A 276 -26.46 22.94 -25.34
CA LEU A 276 -27.58 23.76 -24.88
C LEU A 276 -28.09 23.13 -23.59
N LEU A 277 -27.83 23.78 -22.46
CA LEU A 277 -28.18 23.26 -21.15
C LEU A 277 -29.44 23.93 -20.64
N LYS A 278 -30.37 23.12 -20.14
CA LYS A 278 -31.62 23.61 -19.59
C LYS A 278 -31.47 23.75 -18.08
N TYR A 279 -31.54 24.98 -17.58
CA TYR A 279 -31.54 25.26 -16.16
C TYR A 279 -32.98 25.40 -15.69
N ASN A 280 -33.34 24.64 -14.64
CA ASN A 280 -34.70 24.68 -14.12
C ASN A 280 -34.94 25.88 -13.20
N GLU A 281 -36.03 25.83 -12.44
CA GLU A 281 -36.37 26.92 -11.53
C GLU A 281 -35.34 27.06 -10.41
N ASN A 282 -34.89 25.95 -9.84
CA ASN A 282 -33.93 25.99 -8.74
C ASN A 282 -32.49 26.01 -9.21
N GLY A 283 -32.24 26.22 -10.49
CA GLY A 283 -30.89 26.41 -10.97
C GLY A 283 -30.14 25.16 -11.34
N THR A 284 -30.82 24.03 -11.46
CA THR A 284 -30.18 22.75 -11.72
C THR A 284 -30.27 22.43 -13.20
N ILE A 285 -29.15 22.01 -13.80
CA ILE A 285 -29.17 21.53 -15.18
C ILE A 285 -29.91 20.21 -15.22
N THR A 286 -31.03 20.18 -15.94
CA THR A 286 -31.86 18.99 -16.00
C THR A 286 -31.76 18.24 -17.31
N ASP A 287 -31.44 18.91 -18.40
CA ASP A 287 -31.40 18.24 -19.68
C ASP A 287 -30.45 19.07 -20.54
N ALA A 288 -29.90 18.46 -21.58
CA ALA A 288 -28.98 19.17 -22.47
C ALA A 288 -29.15 18.64 -23.88
N VAL A 289 -28.71 19.44 -24.83
CA VAL A 289 -28.69 19.09 -26.24
C VAL A 289 -27.26 19.27 -26.74
N ASP A 290 -26.69 18.19 -27.26
CA ASP A 290 -25.38 18.23 -27.91
C ASP A 290 -25.59 18.69 -29.35
N CYS A 291 -25.17 19.92 -29.66
CA CYS A 291 -25.59 20.62 -30.88
C CYS A 291 -25.09 19.98 -32.17
N ALA A 292 -24.09 19.10 -32.11
CA ALA A 292 -23.53 18.50 -33.31
C ALA A 292 -23.88 17.03 -33.47
N LEU A 293 -24.81 16.52 -32.67
CA LEU A 293 -25.09 15.09 -32.66
C LEU A 293 -25.85 14.65 -33.91
N ASP A 294 -26.88 15.39 -34.28
CA ASP A 294 -27.71 15.05 -35.43
C ASP A 294 -28.42 16.33 -35.88
N PRO A 295 -29.06 16.34 -37.06
CA PRO A 295 -29.78 17.55 -37.50
C PRO A 295 -30.87 18.06 -36.57
N LEU A 296 -31.52 17.20 -35.80
CA LEU A 296 -32.54 17.68 -34.86
C LEU A 296 -31.89 18.47 -33.72
N SER A 297 -30.72 18.03 -33.25
CA SER A 297 -30.01 18.79 -32.22
C SER A 297 -29.45 20.09 -32.77
N GLU A 298 -29.04 20.09 -34.03
CA GLU A 298 -28.61 21.32 -34.70
C GLU A 298 -29.75 22.31 -34.78
N THR A 299 -30.95 21.82 -35.11
CA THR A 299 -32.15 22.66 -35.15
C THR A 299 -32.50 23.17 -33.75
N LYS A 300 -32.38 22.32 -32.74
CA LYS A 300 -32.69 22.73 -31.37
C LYS A 300 -31.73 23.80 -30.87
N CYS A 301 -30.45 23.68 -31.19
CA CYS A 301 -29.49 24.70 -30.78
C CYS A 301 -29.61 25.97 -31.60
N THR A 302 -30.05 25.88 -32.85
CA THR A 302 -30.28 27.09 -33.63
C THR A 302 -31.52 27.84 -33.13
N LEU A 303 -32.59 27.12 -32.82
CA LEU A 303 -33.81 27.75 -32.35
C LEU A 303 -33.76 28.13 -30.88
N LYS A 304 -32.77 27.64 -30.14
CA LYS A 304 -32.65 27.77 -28.68
C LYS A 304 -33.90 27.28 -27.98
N SER A 305 -34.28 26.05 -28.27
CA SER A 305 -35.47 25.43 -27.71
C SER A 305 -35.27 23.93 -27.73
N PHE A 306 -36.15 23.20 -27.04
CA PHE A 306 -36.03 21.76 -26.97
C PHE A 306 -37.17 21.09 -27.72
N VAL B 21 14.74 -12.03 -2.14
CA VAL B 21 15.50 -11.28 -1.15
C VAL B 21 16.34 -12.22 -0.31
N GLN B 22 17.65 -11.99 -0.30
CA GLN B 22 18.60 -12.73 0.52
C GLN B 22 19.49 -11.75 1.26
N LEU B 23 19.64 -11.95 2.56
CA LEU B 23 20.50 -11.11 3.38
C LEU B 23 21.74 -11.89 3.75
N VAL B 24 22.91 -11.35 3.43
CA VAL B 24 24.19 -11.98 3.71
C VAL B 24 24.97 -11.05 4.62
N GLN B 25 25.43 -11.57 5.75
CA GLN B 25 26.11 -10.77 6.76
C GLN B 25 27.62 -10.97 6.68
N SER B 26 28.34 -10.31 7.57
CA SER B 26 29.78 -10.42 7.68
C SER B 26 30.15 -11.63 8.53
N GLY B 27 31.44 -11.87 8.69
CA GLY B 27 31.89 -13.06 9.37
C GLY B 27 31.88 -12.94 10.88
N ALA B 28 31.83 -14.10 11.53
CA ALA B 28 31.92 -14.18 12.98
C ALA B 28 33.33 -13.78 13.42
N GLU B 29 33.39 -12.99 14.50
CA GLU B 29 34.66 -12.33 14.82
C GLU B 29 34.70 -11.93 16.29
N VAL B 30 35.89 -11.53 16.71
CA VAL B 30 36.19 -11.14 18.09
C VAL B 30 36.73 -9.72 18.07
N LYS B 31 36.32 -8.93 19.06
CA LYS B 31 36.71 -7.53 19.18
C LYS B 31 37.19 -7.25 20.59
N LYS B 32 37.95 -6.17 20.72
CA LYS B 32 38.41 -5.74 22.04
C LYS B 32 37.24 -5.19 22.85
N ALA B 33 37.38 -5.24 24.17
CA ALA B 33 36.39 -4.64 25.04
C ALA B 33 36.52 -3.12 25.00
N GLY B 34 35.42 -2.44 24.76
CA GLY B 34 35.47 -1.00 24.54
C GLY B 34 35.90 -0.59 23.16
N SER B 35 35.87 -1.50 22.21
CA SER B 35 36.21 -1.20 20.83
C SER B 35 34.94 -0.94 20.03
N SER B 36 35.12 -0.72 18.72
CA SER B 36 34.03 -0.41 17.82
C SER B 36 33.81 -1.59 16.87
N VAL B 37 32.57 -2.08 16.80
CA VAL B 37 32.25 -3.19 15.92
C VAL B 37 31.31 -2.70 14.82
N LYS B 38 31.50 -3.23 13.62
CA LYS B 38 30.92 -2.69 12.40
C LYS B 38 30.41 -3.89 11.61
N VAL B 39 29.15 -4.25 11.81
CA VAL B 39 28.57 -5.48 11.27
C VAL B 39 27.77 -5.13 10.02
N SER B 40 28.12 -5.74 8.89
CA SER B 40 27.46 -5.47 7.64
C SER B 40 26.36 -6.50 7.37
N CYS B 41 25.46 -6.15 6.46
CA CYS B 41 24.42 -7.06 6.00
C CYS B 41 24.16 -6.71 4.54
N LYS B 42 24.65 -7.54 3.63
CA LYS B 42 24.52 -7.29 2.20
C LYS B 42 23.22 -7.91 1.71
N ALA B 43 22.33 -7.08 1.21
CA ALA B 43 21.02 -7.52 0.76
C ALA B 43 21.11 -7.90 -0.73
N SER B 44 19.95 -8.17 -1.34
CA SER B 44 19.90 -8.40 -2.77
C SER B 44 19.87 -7.06 -3.51
N GLY B 45 19.72 -7.12 -4.82
CA GLY B 45 19.83 -5.92 -5.64
C GLY B 45 18.68 -4.94 -5.44
N GLY B 46 17.45 -5.44 -5.47
CA GLY B 46 16.29 -4.57 -5.37
C GLY B 46 15.66 -4.53 -3.99
N THR B 47 16.43 -4.96 -2.97
CA THR B 47 15.85 -5.10 -1.63
C THR B 47 15.57 -3.76 -0.97
N PHE B 48 16.53 -2.82 -1.03
CA PHE B 48 16.38 -1.57 -0.29
C PHE B 48 15.37 -0.61 -0.90
N SER B 49 14.81 -0.92 -2.06
CA SER B 49 13.75 -0.08 -2.60
C SER B 49 12.50 -0.16 -1.74
N SER B 50 12.18 -1.34 -1.20
CA SER B 50 10.90 -1.52 -0.55
C SER B 50 10.98 -2.39 0.71
N HIS B 51 12.07 -2.32 1.45
CA HIS B 51 12.23 -3.15 2.64
C HIS B 51 12.76 -2.33 3.81
N THR B 52 12.44 -2.80 5.01
CA THR B 52 12.98 -2.23 6.24
C THR B 52 13.94 -3.23 6.86
N ILE B 53 15.15 -2.78 7.15
CA ILE B 53 16.18 -3.68 7.67
C ILE B 53 16.25 -3.50 9.18
N THR B 54 15.73 -4.46 9.91
CA THR B 54 15.82 -4.45 11.36
C THR B 54 17.06 -5.22 11.79
N TRP B 55 17.59 -4.85 12.94
CA TRP B 55 18.71 -5.53 13.57
C TRP B 55 18.22 -6.08 14.89
N VAL B 56 18.40 -7.39 15.07
CA VAL B 56 17.92 -8.14 16.23
C VAL B 56 19.07 -8.99 16.73
N ARG B 57 19.39 -8.89 18.01
CA ARG B 57 20.49 -9.68 18.55
C ARG B 57 19.96 -10.76 19.48
N GLN B 58 20.76 -11.82 19.59
CA GLN B 58 20.43 -12.98 20.43
C GLN B 58 21.66 -13.34 21.23
N ALA B 59 21.59 -13.14 22.53
CA ALA B 59 22.68 -13.56 23.39
C ALA B 59 22.63 -15.07 23.58
N PRO B 60 23.78 -15.73 23.76
CA PRO B 60 23.79 -17.18 24.01
C PRO B 60 23.20 -17.49 25.37
N GLY B 61 22.17 -18.35 25.39
CA GLY B 61 21.45 -18.67 26.59
C GLY B 61 20.22 -17.83 26.84
N GLN B 62 19.98 -16.80 26.02
CA GLN B 62 18.80 -15.96 26.14
C GLN B 62 18.10 -15.88 24.78
N GLY B 63 16.96 -15.19 24.76
CA GLY B 63 16.13 -15.12 23.59
C GLY B 63 16.50 -13.98 22.67
N LEU B 64 15.65 -13.76 21.68
CA LEU B 64 15.84 -12.67 20.73
C LEU B 64 15.61 -11.32 21.39
N GLU B 65 16.20 -10.29 20.81
CA GLU B 65 16.10 -8.94 21.35
C GLU B 65 16.25 -7.94 20.22
N TRP B 66 15.24 -7.10 20.03
CA TRP B 66 15.26 -6.12 18.96
C TRP B 66 16.24 -5.00 19.30
N MET B 67 17.13 -4.69 18.36
CA MET B 67 18.06 -3.58 18.55
C MET B 67 17.63 -2.33 17.81
N GLY B 68 17.22 -2.46 16.56
CA GLY B 68 16.84 -1.25 15.85
C GLY B 68 16.33 -1.56 14.46
N ARG B 69 16.10 -0.50 13.70
CA ARG B 69 15.66 -0.64 12.33
C ARG B 69 16.21 0.51 11.52
N ILE B 70 16.28 0.29 10.21
CA ILE B 70 16.61 1.34 9.25
C ILE B 70 15.69 1.21 8.04
N ILE B 71 15.17 2.35 7.60
CA ILE B 71 14.50 2.43 6.31
C ILE B 71 15.45 3.21 5.41
N PRO B 72 16.14 2.53 4.47
CA PRO B 72 17.18 3.21 3.69
C PRO B 72 16.64 4.05 2.55
N ILE B 73 15.50 3.66 1.96
CA ILE B 73 14.98 4.38 0.80
C ILE B 73 14.46 5.75 1.19
N LEU B 74 14.12 5.96 2.46
CA LEU B 74 13.80 7.29 2.97
C LEU B 74 14.68 7.66 4.15
N GLY B 75 15.69 6.83 4.44
CA GLY B 75 16.83 7.19 5.26
C GLY B 75 16.60 7.53 6.73
N ILE B 76 15.84 6.73 7.47
CA ILE B 76 15.79 6.96 8.90
C ILE B 76 16.26 5.70 9.61
N ALA B 77 16.75 5.89 10.84
CA ALA B 77 17.19 4.79 11.68
C ALA B 77 16.58 4.97 13.06
N ASN B 78 15.81 3.98 13.51
CA ASN B 78 15.21 4.00 14.82
C ASN B 78 15.90 2.97 15.69
N TYR B 79 16.00 3.25 16.99
CA TYR B 79 16.77 2.40 17.87
C TYR B 79 15.93 2.02 19.08
N ALA B 80 16.30 0.91 19.69
CA ALA B 80 15.71 0.54 20.96
C ALA B 80 16.22 1.48 22.06
N GLN B 81 15.46 1.56 23.15
CA GLN B 81 15.84 2.43 24.25
C GLN B 81 17.07 1.91 24.98
N LYS B 82 17.27 0.59 25.00
CA LYS B 82 18.45 0.02 25.65
C LYS B 82 19.71 0.34 24.85
N PHE B 83 19.61 0.39 23.53
CA PHE B 83 20.74 0.61 22.65
C PHE B 83 20.86 2.04 22.17
N GLN B 84 20.01 2.94 22.65
CA GLN B 84 20.03 4.33 22.18
C GLN B 84 21.25 5.04 22.74
N GLY B 85 21.96 5.75 21.88
CA GLY B 85 23.21 6.39 22.24
C GLY B 85 24.43 5.51 22.09
N ARG B 86 24.24 4.23 21.80
CA ARG B 86 25.32 3.28 21.61
C ARG B 86 25.48 2.79 20.19
N VAL B 87 24.38 2.51 19.50
CA VAL B 87 24.44 1.92 18.17
C VAL B 87 24.00 2.96 17.15
N THR B 88 24.45 2.75 15.92
CA THR B 88 24.18 3.64 14.81
C THR B 88 24.02 2.76 13.58
N ILE B 89 22.82 2.72 13.02
CA ILE B 89 22.53 1.86 11.88
C ILE B 89 22.52 2.72 10.63
N THR B 90 23.42 2.41 9.70
CA THR B 90 23.60 3.17 8.47
C THR B 90 23.28 2.26 7.29
N ALA B 91 23.26 2.86 6.10
CA ALA B 91 22.98 2.09 4.90
C ALA B 91 23.78 2.66 3.74
N ASP B 92 23.98 1.83 2.72
CA ASP B 92 24.67 2.24 1.50
C ASP B 92 23.88 1.68 0.33
N LYS B 93 23.20 2.57 -0.40
CA LYS B 93 22.38 2.16 -1.53
C LYS B 93 23.22 1.65 -2.70
N SER B 94 24.43 2.19 -2.87
CA SER B 94 25.27 1.81 -4.00
C SER B 94 25.77 0.38 -3.87
N THR B 95 26.22 -0.01 -2.69
CA THR B 95 26.62 -1.38 -2.44
C THR B 95 25.48 -2.24 -1.93
N SER B 96 24.31 -1.64 -1.68
CA SER B 96 23.13 -2.30 -1.11
C SER B 96 23.46 -3.03 0.19
N THR B 97 24.13 -2.31 1.10
CA THR B 97 24.61 -2.90 2.34
C THR B 97 24.09 -2.10 3.52
N ALA B 98 23.43 -2.77 4.45
CA ALA B 98 22.98 -2.14 5.68
C ALA B 98 24.00 -2.42 6.78
N TYR B 99 24.55 -1.37 7.36
CA TYR B 99 25.60 -1.48 8.35
C TYR B 99 25.04 -1.19 9.73
N MET B 100 25.60 -1.84 10.74
CA MET B 100 25.26 -1.59 12.13
C MET B 100 26.55 -1.37 12.91
N GLU B 101 26.69 -0.19 13.49
CA GLU B 101 27.88 0.15 14.26
C GLU B 101 27.51 0.15 15.73
N LEU B 102 28.25 -0.60 16.52
CA LEU B 102 28.04 -0.64 17.96
C LEU B 102 29.36 -0.31 18.64
N SER B 103 29.37 0.76 19.42
CA SER B 103 30.56 1.23 20.09
C SER B 103 30.49 0.90 21.57
N SER B 104 31.66 0.99 22.23
CA SER B 104 31.85 0.72 23.65
C SER B 104 31.39 -0.69 24.02
N LEU B 105 32.07 -1.67 23.42
CA LEU B 105 31.70 -3.07 23.62
C LEU B 105 32.08 -3.52 25.02
N ARG B 106 31.13 -4.13 25.71
CA ARG B 106 31.42 -4.77 26.99
C ARG B 106 31.27 -6.28 26.83
N SER B 107 31.42 -7.00 27.94
CA SER B 107 31.36 -8.46 27.92
C SER B 107 29.96 -8.99 27.69
N GLU B 108 28.93 -8.16 27.88
CA GLU B 108 27.55 -8.58 27.72
C GLU B 108 27.05 -8.41 26.29
N ASP B 109 27.92 -7.99 25.37
CA ASP B 109 27.53 -7.77 23.99
C ASP B 109 27.91 -8.91 23.07
N THR B 110 28.47 -9.99 23.60
CA THR B 110 28.75 -11.19 22.79
C THR B 110 27.43 -11.82 22.40
N ALA B 111 27.09 -11.76 21.12
CA ALA B 111 25.77 -12.22 20.69
C ALA B 111 25.82 -12.54 19.21
N VAL B 112 24.77 -13.23 18.75
CA VAL B 112 24.53 -13.42 17.33
C VAL B 112 23.66 -12.27 16.86
N TYR B 113 24.16 -11.50 15.91
CA TYR B 113 23.48 -10.30 15.44
C TYR B 113 22.88 -10.63 14.08
N TYR B 114 21.55 -10.66 14.01
CA TYR B 114 20.83 -10.95 12.79
C TYR B 114 20.33 -9.64 12.18
N CYS B 115 20.46 -9.54 10.87
CA CYS B 115 19.71 -8.56 10.11
C CYS B 115 18.48 -9.27 9.55
N ALA B 116 17.33 -8.64 9.71
CA ALA B 116 16.08 -9.15 9.16
C ALA B 116 15.47 -8.07 8.30
N SER B 117 14.56 -8.46 7.43
CA SER B 117 13.94 -7.49 6.53
C SER B 117 12.42 -7.65 6.57
N LEU B 118 11.74 -6.52 6.47
CA LEU B 118 10.29 -6.50 6.36
C LEU B 118 9.92 -5.95 4.99
N GLN B 119 8.82 -6.46 4.45
CA GLN B 119 8.36 -6.04 3.14
C GLN B 119 7.51 -4.78 3.21
N THR B 120 8.04 -3.74 3.87
CA THR B 120 7.36 -2.47 4.01
C THR B 120 8.40 -1.41 4.33
N VAL B 121 8.08 -0.17 3.96
CA VAL B 121 8.90 0.98 4.32
C VAL B 121 8.16 1.98 5.18
N ASP B 122 6.84 1.87 5.30
CA ASP B 122 6.06 2.68 6.23
C ASP B 122 6.06 1.94 7.55
N THR B 123 6.50 2.60 8.61
CA THR B 123 6.71 1.93 9.89
C THR B 123 5.41 1.63 10.62
N ALA B 124 4.30 2.27 10.24
CA ALA B 124 3.01 1.93 10.80
C ALA B 124 2.46 0.62 10.24
N ILE B 125 2.91 0.22 9.06
CA ILE B 125 2.48 -1.02 8.42
C ILE B 125 3.25 -2.24 8.95
N GLU B 126 4.30 -2.01 9.73
CA GLU B 126 5.18 -3.07 10.18
C GLU B 126 4.50 -4.07 11.12
N LYS B 127 3.38 -3.71 11.73
CA LYS B 127 2.62 -4.64 12.54
C LYS B 127 1.88 -5.67 11.70
N TYR B 128 1.59 -5.35 10.43
CA TYR B 128 0.90 -6.27 9.55
C TYR B 128 1.83 -7.30 8.93
N TYR B 129 3.13 -7.17 9.15
CA TYR B 129 4.12 -8.05 8.56
C TYR B 129 4.98 -8.63 9.66
N GLY B 130 5.73 -9.67 9.31
CA GLY B 130 6.77 -10.20 10.15
C GLY B 130 8.11 -10.09 9.45
N MET B 131 9.15 -10.45 10.20
CA MET B 131 10.50 -10.52 9.64
C MET B 131 10.63 -11.84 8.89
N ASP B 132 10.25 -11.82 7.62
CA ASP B 132 10.22 -13.04 6.82
C ASP B 132 11.59 -13.49 6.33
N VAL B 133 12.48 -12.56 5.99
CA VAL B 133 13.84 -12.90 5.55
C VAL B 133 14.81 -12.52 6.66
N TRP B 134 15.73 -13.42 6.97
CA TRP B 134 16.71 -13.20 8.03
C TRP B 134 18.11 -13.46 7.49
N GLY B 135 19.08 -12.77 8.06
CA GLY B 135 20.46 -13.08 7.77
C GLY B 135 20.91 -14.34 8.49
N GLN B 136 22.11 -14.80 8.15
CA GLN B 136 22.64 -16.00 8.78
C GLN B 136 23.13 -15.74 10.19
N GLY B 137 23.29 -14.48 10.59
CA GLY B 137 23.75 -14.15 11.92
C GLY B 137 25.24 -13.99 12.02
N THR B 138 25.70 -12.90 12.63
CA THR B 138 27.11 -12.66 12.86
C THR B 138 27.41 -12.87 14.34
N THR B 139 28.27 -13.83 14.65
CA THR B 139 28.64 -14.07 16.03
C THR B 139 29.74 -13.10 16.42
N VAL B 140 29.40 -12.11 17.25
CA VAL B 140 30.36 -11.12 17.72
C VAL B 140 30.69 -11.45 19.17
N THR B 141 31.96 -11.74 19.42
CA THR B 141 32.42 -11.98 20.78
C THR B 141 33.54 -10.99 21.11
N VAL B 142 33.77 -10.78 22.40
CA VAL B 142 34.77 -9.80 22.83
C VAL B 142 35.82 -10.51 23.67
N SER B 143 37.00 -9.91 23.71
CA SER B 143 38.11 -10.44 24.47
C SER B 143 39.09 -9.32 24.78
N SER B 144 39.61 -9.33 26.01
CA SER B 144 40.62 -8.35 26.39
C SER B 144 41.96 -8.66 25.73
N ALA B 145 42.37 -9.92 25.76
CA ALA B 145 43.63 -10.32 25.17
C ALA B 145 43.39 -11.27 24.01
N TYR C 22 7.26 -2.40 27.59
CA TYR C 22 6.39 -3.53 27.28
C TYR C 22 7.14 -4.84 27.42
N GLU C 23 6.51 -5.84 28.02
CA GLU C 23 7.14 -7.13 28.22
C GLU C 23 6.17 -8.25 27.84
N LEU C 24 6.70 -9.30 27.24
CA LEU C 24 5.93 -10.48 26.85
C LEU C 24 6.46 -11.67 27.63
N THR C 25 5.55 -12.38 28.29
CA THR C 25 5.90 -13.54 29.10
C THR C 25 5.59 -14.80 28.29
N GLN C 26 6.46 -15.81 28.41
CA GLN C 26 6.31 -17.01 27.62
C GLN C 26 6.83 -18.18 28.44
N PRO C 27 6.17 -19.35 28.37
CA PRO C 27 6.67 -20.50 29.10
C PRO C 27 8.01 -20.97 28.55
N PRO C 28 8.91 -21.46 29.41
CA PRO C 28 10.26 -21.78 28.96
C PRO C 28 10.35 -23.06 28.15
N SER C 29 9.50 -24.04 28.42
CA SER C 29 9.59 -25.32 27.72
C SER C 29 8.22 -25.96 27.63
N VAL C 30 7.97 -26.59 26.48
CA VAL C 30 6.78 -27.42 26.26
C VAL C 30 7.24 -28.70 25.60
N SER C 31 6.88 -29.84 26.18
CA SER C 31 7.29 -31.15 25.67
C SER C 31 6.06 -31.93 25.26
N VAL C 32 6.07 -32.46 24.03
CA VAL C 32 4.96 -33.24 23.49
C VAL C 32 5.46 -34.53 22.88
N SER C 33 4.53 -35.46 22.71
CA SER C 33 4.74 -36.72 22.01
C SER C 33 4.72 -36.46 20.50
N PRO C 34 5.39 -37.30 19.71
CA PRO C 34 5.34 -37.11 18.24
C PRO C 34 4.02 -37.55 17.65
N GLY C 35 3.34 -36.62 16.99
CA GLY C 35 2.01 -36.84 16.46
C GLY C 35 0.89 -36.22 17.25
N GLN C 36 1.18 -35.61 18.39
CA GLN C 36 0.17 -34.98 19.23
C GLN C 36 0.15 -33.47 19.00
N THR C 37 -0.86 -32.83 19.57
CA THR C 37 -1.04 -31.39 19.40
C THR C 37 -0.23 -30.64 20.45
N ALA C 38 0.58 -29.68 19.99
CA ALA C 38 1.41 -28.84 20.84
C ALA C 38 0.81 -27.45 20.93
N SER C 39 0.75 -26.89 22.13
CA SER C 39 0.26 -25.54 22.36
C SER C 39 1.34 -24.72 23.06
N ILE C 40 1.64 -23.56 22.50
CA ILE C 40 2.65 -22.65 23.04
C ILE C 40 2.00 -21.31 23.27
N THR C 41 1.96 -20.86 24.51
CA THR C 41 1.28 -19.62 24.88
C THR C 41 2.25 -18.45 24.95
N CYS C 42 1.68 -17.25 24.95
CA CYS C 42 2.45 -16.02 25.07
C CYS C 42 1.54 -14.99 25.70
N SER C 43 1.81 -14.62 26.95
CA SER C 43 1.00 -13.66 27.67
C SER C 43 1.60 -12.27 27.54
N GLY C 44 0.73 -11.27 27.56
CA GLY C 44 1.16 -9.89 27.50
C GLY C 44 0.03 -8.99 27.94
N ASP C 45 0.38 -7.74 28.24
CA ASP C 45 -0.62 -6.77 28.68
C ASP C 45 -1.39 -6.29 27.47
N LYS C 46 -2.66 -6.71 27.38
CA LYS C 46 -3.57 -6.42 26.27
C LYS C 46 -2.97 -6.84 24.92
N LEU C 47 -2.42 -8.05 24.89
CA LEU C 47 -1.84 -8.59 23.66
C LEU C 47 -2.91 -8.89 22.61
N GLY C 48 -4.16 -9.11 23.02
CA GLY C 48 -5.23 -9.37 22.08
C GLY C 48 -5.58 -8.18 21.20
N ASP C 49 -5.21 -6.97 21.62
CA ASP C 49 -5.38 -5.79 20.80
C ASP C 49 -4.18 -5.55 19.87
N LYS C 50 -3.17 -6.40 19.93
CA LYS C 50 -1.95 -6.25 19.17
C LYS C 50 -1.73 -7.45 18.25
N TYR C 51 -1.01 -7.21 17.16
CA TYR C 51 -0.59 -8.29 16.28
C TYR C 51 0.65 -8.98 16.83
N ALA C 52 0.58 -10.31 16.89
CA ALA C 52 1.67 -11.14 17.36
C ALA C 52 2.14 -12.04 16.23
N CYS C 53 3.43 -11.99 15.95
CA CYS C 53 4.08 -12.94 15.07
C CYS C 53 4.71 -14.05 15.90
N TRP C 54 4.93 -15.19 15.25
CA TRP C 54 5.60 -16.33 15.84
C TRP C 54 6.72 -16.74 14.92
N TYR C 55 7.91 -16.90 15.50
CA TYR C 55 9.11 -17.27 14.78
C TYR C 55 9.60 -18.61 15.28
N GLN C 56 10.12 -19.42 14.37
CA GLN C 56 10.71 -20.71 14.68
C GLN C 56 12.21 -20.65 14.42
N GLN C 57 13.00 -21.10 15.39
CA GLN C 57 14.45 -21.11 15.25
C GLN C 57 14.98 -22.49 15.61
N LYS C 58 15.56 -23.16 14.63
CA LYS C 58 16.29 -24.39 14.88
C LYS C 58 17.62 -24.05 15.55
N PRO C 59 18.22 -25.00 16.27
CA PRO C 59 19.55 -24.76 16.87
C PRO C 59 20.61 -24.57 15.80
N GLY C 60 21.25 -23.39 15.82
CA GLY C 60 22.27 -23.05 14.85
C GLY C 60 21.76 -22.45 13.56
N GLN C 61 20.50 -22.02 13.50
CA GLN C 61 19.90 -21.51 12.28
C GLN C 61 19.29 -20.13 12.55
N SER C 62 18.90 -19.48 11.47
CA SER C 62 18.18 -18.22 11.55
C SER C 62 16.73 -18.45 11.93
N PRO C 63 16.09 -17.47 12.58
CA PRO C 63 14.65 -17.58 12.85
C PRO C 63 13.81 -17.62 11.58
N VAL C 64 12.75 -18.40 11.61
CA VAL C 64 11.85 -18.57 10.48
C VAL C 64 10.46 -18.10 10.91
N LEU C 65 9.91 -17.15 10.18
CA LEU C 65 8.57 -16.65 10.46
C LEU C 65 7.54 -17.71 10.12
N VAL C 66 6.81 -18.20 11.14
CA VAL C 66 5.79 -19.19 10.91
C VAL C 66 4.38 -18.64 11.08
N ILE C 67 4.18 -17.58 11.86
CA ILE C 67 2.85 -16.97 12.00
C ILE C 67 3.02 -15.47 11.97
N TYR C 68 2.21 -14.76 11.19
CA TYR C 68 2.13 -13.32 11.27
C TYR C 68 0.66 -12.93 11.30
N GLN C 69 0.38 -11.74 11.86
CA GLN C 69 -0.97 -11.20 12.04
C GLN C 69 -1.86 -12.14 12.84
N ASP C 70 -1.26 -12.83 13.81
CA ASP C 70 -1.81 -13.72 14.83
C ASP C 70 -2.33 -15.05 14.32
N ASN C 71 -2.63 -15.17 13.04
CA ASN C 71 -3.17 -16.41 12.53
C ASN C 71 -2.77 -16.75 11.10
N LYS C 72 -2.03 -15.90 10.41
CA LYS C 72 -1.75 -16.09 8.99
C LYS C 72 -0.39 -16.72 8.82
N ARG C 73 -0.31 -17.73 7.98
CA ARG C 73 0.95 -18.40 7.69
C ARG C 73 1.61 -17.77 6.48
N PRO C 74 2.93 -17.62 6.48
CA PRO C 74 3.64 -17.39 5.23
C PRO C 74 3.56 -18.63 4.35
N SER C 75 3.65 -18.41 3.05
CA SER C 75 3.61 -19.53 2.12
C SER C 75 4.88 -20.35 2.21
N GLY C 76 4.73 -21.67 2.18
CA GLY C 76 5.81 -22.58 2.42
C GLY C 76 5.84 -23.14 3.83
N ILE C 77 5.21 -22.46 4.78
CA ILE C 77 5.01 -23.02 6.11
C ILE C 77 3.91 -24.08 6.03
N PRO C 78 4.11 -25.26 6.61
CA PRO C 78 3.08 -26.30 6.52
C PRO C 78 1.81 -25.92 7.27
N GLU C 79 0.70 -26.50 6.80
CA GLU C 79 -0.63 -26.09 7.23
C GLU C 79 -0.96 -26.50 8.65
N ARG C 80 -0.13 -27.33 9.28
CA ARG C 80 -0.40 -27.75 10.65
C ARG C 80 -0.09 -26.66 11.68
N PHE C 81 0.68 -25.64 11.30
CA PHE C 81 0.88 -24.49 12.17
C PHE C 81 -0.35 -23.60 12.15
N SER C 82 -0.82 -23.21 13.34
CA SER C 82 -1.97 -22.33 13.43
C SER C 82 -1.77 -21.38 14.60
N GLY C 83 -2.47 -20.26 14.58
CA GLY C 83 -2.32 -19.27 15.63
C GLY C 83 -3.64 -18.68 16.05
N SER C 84 -3.63 -18.13 17.26
CA SER C 84 -4.78 -17.40 17.78
C SER C 84 -4.26 -16.32 18.72
N ASN C 85 -5.09 -15.30 18.94
CA ASN C 85 -4.71 -14.21 19.84
C ASN C 85 -6.00 -13.66 20.42
N SER C 86 -6.24 -13.94 21.69
CA SER C 86 -7.46 -13.51 22.37
C SER C 86 -7.11 -13.03 23.76
N GLY C 87 -7.74 -11.92 24.15
CA GLY C 87 -7.60 -11.39 25.50
C GLY C 87 -6.19 -10.93 25.80
N ASN C 88 -5.50 -11.69 26.65
CA ASN C 88 -4.12 -11.42 27.00
C ASN C 88 -3.16 -12.48 26.48
N THR C 89 -3.64 -13.45 25.69
CA THR C 89 -2.79 -14.57 25.31
C THR C 89 -2.81 -14.81 23.82
N ALA C 90 -1.63 -15.08 23.27
CA ALA C 90 -1.46 -15.52 21.90
C ALA C 90 -0.95 -16.96 21.93
N THR C 91 -1.59 -17.83 21.16
CA THR C 91 -1.32 -19.26 21.20
C THR C 91 -0.90 -19.73 19.81
N LEU C 92 0.22 -20.44 19.75
CA LEU C 92 0.68 -21.14 18.57
C LEU C 92 0.41 -22.63 18.76
N THR C 93 -0.31 -23.22 17.82
CA THR C 93 -0.78 -24.59 17.92
C THR C 93 -0.21 -25.39 16.76
N ILE C 94 0.32 -26.57 17.05
CA ILE C 94 0.85 -27.47 16.04
C ILE C 94 0.06 -28.77 16.12
N SER C 95 -0.61 -29.11 15.03
CA SER C 95 -1.46 -30.30 14.98
C SER C 95 -0.71 -31.42 14.30
N GLY C 96 -0.45 -32.50 15.03
CA GLY C 96 0.33 -33.58 14.47
C GLY C 96 1.80 -33.24 14.43
N THR C 97 2.40 -33.08 15.61
CA THR C 97 3.80 -32.68 15.71
C THR C 97 4.69 -33.82 15.23
N GLN C 98 5.50 -33.54 14.22
CA GLN C 98 6.45 -34.51 13.70
C GLN C 98 7.87 -34.06 14.05
N ALA C 99 8.85 -34.77 13.50
CA ALA C 99 10.22 -34.72 14.01
C ALA C 99 10.93 -33.39 13.74
N MET C 100 10.44 -32.58 12.80
CA MET C 100 11.15 -31.36 12.44
C MET C 100 10.58 -30.12 13.13
N ASP C 101 9.77 -30.30 14.17
CA ASP C 101 9.21 -29.18 14.91
C ASP C 101 9.97 -28.89 16.21
N GLU C 102 11.00 -29.67 16.51
CA GLU C 102 11.79 -29.48 17.73
C GLU C 102 12.67 -28.25 17.56
N ALA C 103 12.26 -27.14 18.16
CA ALA C 103 12.92 -25.86 17.91
C ALA C 103 12.63 -24.91 19.07
N ASP C 104 13.00 -23.65 18.90
CA ASP C 104 12.61 -22.57 19.80
C ASP C 104 11.57 -21.72 19.10
N TYR C 105 10.54 -21.31 19.83
CA TYR C 105 9.47 -20.53 19.26
C TYR C 105 9.36 -19.21 20.00
N TYR C 106 9.41 -18.12 19.24
CA TYR C 106 9.47 -16.78 19.81
C TYR C 106 8.21 -16.01 19.44
N CYS C 107 7.52 -15.53 20.46
CA CYS C 107 6.37 -14.65 20.30
C CYS C 107 6.85 -13.21 20.21
N GLN C 108 6.41 -12.51 19.19
CA GLN C 108 6.86 -11.15 18.93
C GLN C 108 5.65 -10.26 18.75
N ALA C 109 5.70 -9.06 19.32
CA ALA C 109 4.63 -8.09 19.20
C ALA C 109 5.22 -6.74 18.81
N TRP C 110 4.34 -5.83 18.40
CA TRP C 110 4.73 -4.49 18.01
C TRP C 110 4.12 -3.50 18.99
N ASP C 111 4.98 -2.85 19.77
CA ASP C 111 4.56 -1.87 20.76
C ASP C 111 5.26 -0.55 20.48
N SER C 112 4.47 0.49 20.21
CA SER C 112 4.95 1.86 19.94
C SER C 112 5.96 1.90 18.81
N SER C 113 5.67 1.15 17.74
CA SER C 113 6.54 0.93 16.58
C SER C 113 7.91 0.39 16.98
N THR C 114 7.95 -0.45 18.01
CA THR C 114 9.16 -1.18 18.39
C THR C 114 8.80 -2.66 18.49
N ALA C 115 9.61 -3.51 17.88
CA ALA C 115 9.42 -4.94 18.05
C ALA C 115 9.84 -5.36 19.45
N VAL C 116 9.05 -6.23 20.05
CA VAL C 116 9.38 -6.81 21.35
C VAL C 116 9.20 -8.32 21.25
N PHE C 117 10.13 -9.07 21.81
CA PHE C 117 10.14 -10.52 21.68
C PHE C 117 9.84 -11.16 23.02
N GLY C 118 9.20 -12.33 22.97
CA GLY C 118 9.00 -13.13 24.15
C GLY C 118 10.26 -13.88 24.52
N GLY C 119 10.18 -14.60 25.64
CA GLY C 119 11.33 -15.36 26.10
C GLY C 119 11.63 -16.58 25.25
N GLY C 120 10.65 -17.09 24.52
CA GLY C 120 10.87 -18.24 23.67
C GLY C 120 10.65 -19.57 24.38
N THR C 121 9.86 -20.43 23.76
CA THR C 121 9.58 -21.76 24.29
C THR C 121 10.36 -22.79 23.50
N LYS C 122 11.11 -23.63 24.21
CA LYS C 122 11.83 -24.73 23.57
C LYS C 122 10.89 -25.90 23.43
N LEU C 123 10.30 -26.05 22.25
CA LEU C 123 9.43 -27.19 21.98
C LEU C 123 10.29 -28.38 21.55
N THR C 124 10.25 -29.45 22.34
CA THR C 124 10.99 -30.65 22.08
C THR C 124 10.03 -31.80 21.77
N VAL C 125 10.52 -32.79 21.04
CA VAL C 125 9.74 -33.95 20.66
C VAL C 125 10.32 -35.16 21.37
N LEU C 126 9.45 -35.88 22.09
CA LEU C 126 9.88 -36.98 22.94
C LEU C 126 10.36 -38.16 22.10
N GLY C 127 11.34 -38.87 22.64
CA GLY C 127 11.90 -40.04 21.98
C GLY C 127 12.43 -41.06 22.96
#